data_2B42
#
_entry.id   2B42
#
_cell.length_a   107.890
_cell.length_b   95.340
_cell.length_c   69.310
_cell.angle_alpha   90.00
_cell.angle_beta   122.24
_cell.angle_gamma   90.00
#
_symmetry.space_group_name_H-M   'C 1 2 1'
#
loop_
_entity.id
_entity.type
_entity.pdbx_description
1 polymer 'xylanase inhibitor-I'
2 polymer 'Endo-1,4-beta-xylanase A'
3 water water
#
loop_
_entity_poly.entity_id
_entity_poly.type
_entity_poly.pdbx_seq_one_letter_code
_entity_poly.pdbx_strand_id
1 'polypeptide(L)'
;LPVLAPVTKDPATSLYTIPFHDGASLVLDVAGPLVWSTCKGGQPPAEIPCSSPTCLLANAYPAPGCPAPSCGSDKHDKPC
TAYPYNPVSGACAAGSLSHTRFVANTTDGSKPVSKVNVGVLAACAPSKLLASLPRGSTGVAGLANSGLALPAQVASAQKV
ANRFLLCLPTGGPGVAIFGGGPVPWPQFTQSMPYTPLVTKGGSPAHYISARSIVVGDTRVPVPEGALATGGVMLSTRLPY
VLLRPDVYRPLMDAFTKALAAQHANGAPVARAVVAVAPFGVCYDTKTLGNNLGGYAVPNVQLGLDGGSDWTMTGKNSMVD
VKQGTACVAFVEMKGVAAGDGRAPAVILGGAQMEDFVLDFDMEKKRLGFSRLPHFTGCGGL
;
A
2 'polypeptide(L)'
;ASTDYWQNWTDGGGIVNAVNGSGGNYSVNWSNTGNFVVGKGWTTGSPFRTINYNAGVWAPNGNGYLTLYGWTRSPLIEYY
VVDSWGTYRPTGTYKGTVKSDGGTYDIYTTTRYNAPSIDGDRTTFTQYWSVRQSKRPTGSNATITFTNHVNAWKSHGMNL
GSNWAYQVMATEGYQSSGSSNVTVW
;
B
#
# COMPACT_ATOMS: atom_id res chain seq x y z
N LEU A 1 14.88 21.86 -5.22
CA LEU A 1 13.59 21.17 -4.93
C LEU A 1 13.81 19.67 -4.65
N PRO A 2 12.83 19.00 -4.05
CA PRO A 2 12.85 17.52 -3.92
C PRO A 2 12.82 16.83 -5.28
N VAL A 3 13.27 15.58 -5.32
CA VAL A 3 13.45 14.85 -6.56
C VAL A 3 12.49 13.66 -6.66
N LEU A 4 11.82 13.55 -7.80
CA LEU A 4 10.78 12.56 -7.96
C LEU A 4 11.20 11.53 -9.00
N ALA A 5 11.08 10.27 -8.62
CA ALA A 5 11.21 9.17 -9.55
C ALA A 5 9.98 8.27 -9.42
N PRO A 6 9.54 7.73 -10.53
CA PRO A 6 8.45 6.73 -10.51
C PRO A 6 9.00 5.37 -10.11
N VAL A 7 8.15 4.57 -9.47
CA VAL A 7 8.52 3.30 -8.87
C VAL A 7 7.76 2.13 -9.49
N THR A 8 8.49 1.21 -10.10
CA THR A 8 7.94 0.07 -10.78
C THR A 8 8.14 -1.19 -9.92
N LYS A 9 7.05 -1.89 -9.64
CA LYS A 9 7.15 -3.25 -9.13
C LYS A 9 7.44 -4.23 -10.29
N ASP A 10 8.56 -4.91 -10.21
CA ASP A 10 8.94 -5.91 -11.20
C ASP A 10 8.03 -7.14 -11.06
N PRO A 11 7.30 -7.51 -12.12
CA PRO A 11 6.38 -8.65 -12.01
C PRO A 11 7.08 -9.94 -11.60
N ALA A 12 8.25 -10.23 -12.17
CA ALA A 12 8.91 -11.53 -11.95
C ALA A 12 9.50 -11.67 -10.56
N THR A 13 10.24 -10.64 -10.13
CA THR A 13 10.92 -10.67 -8.82
C THR A 13 10.11 -10.11 -7.66
N SER A 14 9.10 -9.28 -7.94
CA SER A 14 8.41 -8.50 -6.91
C SER A 14 9.18 -7.35 -6.25
N LEU A 15 10.40 -7.07 -6.71
CA LEU A 15 11.25 -6.00 -6.15
C LEU A 15 10.80 -4.69 -6.78
N TYR A 16 11.15 -3.56 -6.15
CA TYR A 16 10.71 -2.22 -6.61
C TYR A 16 11.92 -1.52 -7.20
N THR A 17 11.76 -0.85 -8.34
CA THR A 17 12.88 -0.13 -8.94
C THR A 17 12.55 1.31 -9.26
N ILE A 18 13.60 2.13 -9.39
CA ILE A 18 13.47 3.49 -9.92
C ILE A 18 14.46 3.64 -11.04
N PRO A 19 14.14 4.49 -12.03
CA PRO A 19 15.10 4.80 -13.10
C PRO A 19 16.31 5.51 -12.53
N PHE A 20 17.48 5.17 -13.02
CA PHE A 20 18.75 5.66 -12.49
C PHE A 20 19.41 6.58 -13.54
N HIS A 21 19.91 5.98 -14.62
CA HIS A 21 20.30 6.69 -15.83
C HIS A 21 20.33 5.72 -17.04
N ASP A 22 20.06 6.26 -18.23
CA ASP A 22 20.23 5.54 -19.52
C ASP A 22 19.52 4.18 -19.63
N GLY A 23 18.19 4.18 -19.41
CA GLY A 23 17.41 2.94 -19.50
C GLY A 23 17.70 1.95 -18.37
N ALA A 24 18.52 2.35 -17.40
CA ALA A 24 18.92 1.50 -16.30
C ALA A 24 18.15 1.90 -15.03
N SER A 25 17.78 0.89 -14.25
CA SER A 25 17.05 1.08 -13.01
C SER A 25 17.85 0.59 -11.79
N LEU A 26 17.43 0.98 -10.59
CA LEU A 26 18.02 0.44 -9.37
C LEU A 26 16.94 -0.17 -8.49
N VAL A 27 17.25 -1.27 -7.79
CA VAL A 27 16.35 -1.84 -6.79
C VAL A 27 16.34 -0.96 -5.55
N LEU A 28 15.16 -0.63 -5.04
CA LEU A 28 15.05 0.08 -3.76
C LEU A 28 15.30 -0.87 -2.59
N ASP A 29 16.27 -0.53 -1.76
CA ASP A 29 16.60 -1.31 -0.59
C ASP A 29 16.54 -0.41 0.65
N VAL A 30 15.41 -0.45 1.36
CA VAL A 30 15.20 0.47 2.50
C VAL A 30 16.10 0.17 3.70
N ALA A 31 16.80 -0.96 3.67
CA ALA A 31 17.80 -1.28 4.70
C ALA A 31 19.25 -1.14 4.18
N GLY A 32 19.40 -0.69 2.96
CA GLY A 32 20.69 -0.67 2.29
C GLY A 32 21.39 0.65 2.49
N PRO A 33 22.64 0.60 2.94
CA PRO A 33 23.42 1.81 3.22
C PRO A 33 24.09 2.41 1.99
N LEU A 34 24.06 1.69 0.87
CA LEU A 34 24.79 2.11 -0.34
C LEU A 34 23.95 2.20 -1.61
N VAL A 35 24.37 3.12 -2.46
CA VAL A 35 23.98 3.15 -3.83
C VAL A 35 25.11 2.45 -4.55
N TRP A 36 24.80 1.37 -5.24
CA TRP A 36 25.81 0.68 -6.01
C TRP A 36 25.26 0.20 -7.34
N SER A 37 26.17 -0.05 -8.27
CA SER A 37 25.83 -0.40 -9.65
C SER A 37 27.05 -0.91 -10.43
N THR A 38 26.81 -1.56 -11.57
CA THR A 38 27.88 -1.98 -12.49
C THR A 38 28.37 -0.75 -13.21
N CYS A 39 29.63 -0.74 -13.60
CA CYS A 39 30.23 0.49 -14.15
C CYS A 39 30.70 0.37 -15.60
N LYS A 40 30.67 1.52 -16.29
CA LYS A 40 31.35 1.73 -17.58
C LYS A 40 32.54 0.80 -17.73
N GLY A 41 32.51 -0.06 -18.76
CA GLY A 41 33.53 -1.07 -19.01
C GLY A 41 34.97 -0.56 -19.08
N GLU A 47 38.48 7.99 -6.97
CA GLU A 47 39.82 7.85 -6.41
C GLU A 47 39.89 8.41 -4.97
N ILE A 48 38.99 7.91 -4.13
CA ILE A 48 38.88 8.33 -2.73
C ILE A 48 39.92 7.58 -1.86
N PRO A 49 40.61 8.28 -0.94
CA PRO A 49 41.52 7.60 -0.01
C PRO A 49 40.77 6.84 1.07
N CYS A 50 41.29 5.71 1.54
CA CYS A 50 40.49 4.86 2.44
C CYS A 50 40.38 5.38 3.88
N SER A 51 41.21 6.33 4.26
CA SER A 51 41.11 6.93 5.59
C SER A 51 40.16 8.15 5.64
N SER A 52 39.59 8.52 4.50
CA SER A 52 38.74 9.71 4.39
C SER A 52 37.36 9.48 4.98
N PRO A 53 36.67 10.55 5.38
CA PRO A 53 35.28 10.46 5.84
C PRO A 53 34.33 9.80 4.85
N THR A 54 34.57 9.99 3.55
CA THR A 54 33.73 9.36 2.54
C THR A 54 33.85 7.85 2.67
N CYS A 55 35.08 7.35 2.74
CA CYS A 55 35.34 5.91 2.84
C CYS A 55 34.81 5.27 4.12
N LEU A 56 34.94 5.98 5.25
CA LEU A 56 34.37 5.51 6.51
C LEU A 56 32.86 5.40 6.45
N LEU A 57 32.19 6.40 5.88
CA LEU A 57 30.75 6.33 5.65
C LEU A 57 30.42 5.12 4.81
N ALA A 58 31.31 4.83 3.84
CA ALA A 58 31.07 3.76 2.90
C ALA A 58 31.14 2.37 3.55
N ASN A 59 32.01 2.19 4.54
CA ASN A 59 32.15 0.90 5.26
C ASN A 59 31.64 0.97 6.71
N ALA A 60 30.75 1.91 7.00
CA ALA A 60 30.21 2.08 8.33
C ALA A 60 29.36 0.89 8.79
N TYR A 61 28.80 0.18 7.83
CA TYR A 61 27.93 -0.96 8.10
C TYR A 61 28.40 -2.09 7.24
N PRO A 62 29.29 -2.92 7.78
CA PRO A 62 29.76 -4.09 7.04
C PRO A 62 28.59 -4.94 6.50
N ALA A 63 28.84 -5.52 5.33
CA ALA A 63 27.91 -6.42 4.67
C ALA A 63 28.18 -7.82 5.20
N PRO A 64 27.12 -8.57 5.53
CA PRO A 64 27.23 -9.80 6.34
C PRO A 64 28.38 -10.79 6.02
N GLY A 65 28.62 -11.09 4.74
CA GLY A 65 29.64 -12.07 4.38
C GLY A 65 30.98 -11.51 3.95
N CYS A 66 31.26 -10.25 4.28
CA CYS A 66 32.47 -9.53 3.82
C CYS A 66 33.19 -8.82 5.01
N PRO A 67 34.53 -8.89 5.05
CA PRO A 67 35.30 -8.29 6.15
C PRO A 67 35.55 -6.75 6.01
N ALA A 68 36.70 -6.32 5.45
CA ALA A 68 37.06 -4.89 5.36
C ALA A 68 38.42 -4.71 4.67
N LYS A 78 46.53 4.10 -0.65
CA LYS A 78 45.64 2.96 -0.42
C LYS A 78 44.20 3.37 -0.78
N PRO A 79 43.77 3.19 -2.03
CA PRO A 79 42.42 3.57 -2.46
C PRO A 79 41.27 2.86 -1.69
N CYS A 80 40.08 3.44 -1.73
CA CYS A 80 38.95 3.03 -0.90
C CYS A 80 38.20 1.85 -1.51
N THR A 81 37.84 0.88 -0.67
CA THR A 81 37.08 -0.28 -1.14
C THR A 81 35.81 -0.44 -0.32
N ALA A 82 34.68 -0.36 -1.02
CA ALA A 82 33.38 -0.68 -0.44
C ALA A 82 32.99 -2.13 -0.73
N TYR A 83 31.94 -2.60 -0.10
CA TYR A 83 31.48 -3.96 -0.33
C TYR A 83 29.96 -3.97 -0.57
N PRO A 84 29.57 -3.66 -1.81
CA PRO A 84 28.19 -3.78 -2.27
C PRO A 84 27.53 -5.12 -1.90
N TYR A 85 26.27 -5.05 -1.44
CA TYR A 85 25.52 -6.18 -0.94
C TYR A 85 24.28 -6.36 -1.80
N ASN A 86 24.14 -7.49 -2.47
CA ASN A 86 22.88 -7.87 -3.06
C ASN A 86 21.99 -8.44 -1.95
N PRO A 87 20.92 -7.72 -1.62
CA PRO A 87 20.06 -8.11 -0.50
C PRO A 87 19.17 -9.33 -0.78
N VAL A 88 18.96 -9.67 -2.06
CA VAL A 88 18.23 -10.89 -2.39
C VAL A 88 19.11 -12.13 -2.32
N SER A 89 20.24 -12.13 -3.01
CA SER A 89 21.16 -13.28 -2.96
C SER A 89 21.95 -13.41 -1.66
N GLY A 90 22.09 -12.32 -0.91
CA GLY A 90 23.06 -12.26 0.17
C GLY A 90 24.52 -12.16 -0.27
N ALA A 91 24.77 -12.02 -1.58
CA ALA A 91 26.12 -11.99 -2.12
C ALA A 91 26.73 -10.62 -1.87
N CYS A 92 28.03 -10.59 -1.64
CA CYS A 92 28.76 -9.33 -1.60
C CYS A 92 30.09 -9.44 -2.35
N ALA A 93 30.64 -8.30 -2.70
CA ALA A 93 31.89 -8.25 -3.43
C ALA A 93 32.57 -6.89 -3.28
N ALA A 94 33.87 -6.86 -3.53
CA ALA A 94 34.66 -5.64 -3.42
C ALA A 94 34.34 -4.74 -4.57
N GLY A 95 34.56 -3.45 -4.38
CA GLY A 95 34.24 -2.47 -5.40
C GLY A 95 34.78 -1.11 -5.01
N SER A 96 35.07 -0.28 -6.00
CA SER A 96 35.62 1.05 -5.73
C SER A 96 34.49 2.06 -5.77
N LEU A 97 34.59 3.13 -4.98
CA LEU A 97 33.58 4.18 -5.02
C LEU A 97 33.74 5.04 -6.29
N SER A 98 32.64 5.60 -6.79
CA SER A 98 32.71 6.42 -8.01
C SER A 98 31.54 7.37 -8.15
N HIS A 99 31.78 8.50 -8.79
CA HIS A 99 30.78 9.53 -8.97
C HIS A 99 29.90 9.09 -10.13
N THR A 100 28.60 9.38 -10.04
CA THR A 100 27.67 9.03 -11.11
C THR A 100 26.46 9.96 -11.05
N ARG A 101 25.55 9.80 -12.00
CA ARG A 101 24.39 10.68 -12.13
C ARG A 101 23.13 9.96 -11.73
N PHE A 102 22.38 10.52 -10.79
CA PHE A 102 20.97 10.15 -10.58
C PHE A 102 20.13 11.14 -11.40
N VAL A 103 19.44 10.62 -12.43
CA VAL A 103 18.67 11.41 -13.37
C VAL A 103 17.17 11.24 -13.13
N ALA A 104 16.53 12.34 -12.75
CA ALA A 104 15.09 12.34 -12.45
C ALA A 104 14.44 13.70 -12.73
N ASN A 105 13.25 13.91 -12.17
CA ASN A 105 12.51 15.15 -12.32
C ASN A 105 12.50 15.85 -10.95
N THR A 106 12.35 17.17 -10.91
CA THR A 106 12.12 17.88 -9.64
C THR A 106 10.61 17.89 -9.48
N THR A 107 10.16 18.27 -8.29
CA THR A 107 8.74 18.33 -8.01
C THR A 107 8.46 19.33 -6.89
N ASP A 108 7.26 19.89 -6.87
CA ASP A 108 6.81 20.73 -5.75
C ASP A 108 5.66 20.13 -4.92
N GLY A 109 5.06 19.05 -5.44
CA GLY A 109 4.12 18.21 -4.70
C GLY A 109 4.35 16.77 -5.10
N SER A 110 3.70 16.35 -6.19
CA SER A 110 3.78 14.97 -6.70
C SER A 110 3.95 14.84 -8.21
N LYS A 111 3.88 15.97 -8.94
CA LYS A 111 4.00 15.98 -10.41
C LYS A 111 5.34 16.62 -10.82
N PRO A 112 5.92 16.15 -11.95
CA PRO A 112 7.21 16.66 -12.41
C PRO A 112 7.22 18.15 -12.80
N VAL A 113 8.19 18.89 -12.25
CA VAL A 113 8.52 20.23 -12.68
C VAL A 113 9.53 20.15 -13.85
N SER A 114 10.73 19.63 -13.59
CA SER A 114 11.73 19.52 -14.67
C SER A 114 12.93 18.62 -14.36
N LYS A 115 13.57 18.15 -15.45
CA LYS A 115 14.79 17.34 -15.41
C LYS A 115 15.86 17.89 -14.46
N VAL A 116 16.66 16.99 -13.90
CA VAL A 116 17.69 17.35 -12.93
C VAL A 116 18.69 16.22 -12.82
N ASN A 117 19.97 16.57 -12.70
CA ASN A 117 21.02 15.60 -12.50
C ASN A 117 21.60 15.80 -11.13
N VAL A 118 21.53 14.78 -10.28
CA VAL A 118 22.12 14.79 -8.94
C VAL A 118 23.42 13.96 -8.94
N GLY A 119 24.55 14.58 -8.59
CA GLY A 119 25.80 13.86 -8.47
C GLY A 119 25.77 13.06 -7.19
N VAL A 120 25.91 11.73 -7.29
CA VAL A 120 25.89 10.84 -6.13
C VAL A 120 27.06 9.86 -6.17
N LEU A 121 27.66 9.62 -5.01
CA LEU A 121 28.66 8.57 -4.84
C LEU A 121 28.02 7.20 -4.76
N ALA A 122 28.51 6.31 -5.62
CA ALA A 122 28.05 4.93 -5.69
C ALA A 122 29.23 3.98 -5.81
N ALA A 123 29.07 2.79 -5.25
CA ALA A 123 30.05 1.72 -5.40
C ALA A 123 29.91 1.07 -6.78
N CYS A 124 31.00 0.49 -7.27
CA CYS A 124 31.01 -0.25 -8.53
C CYS A 124 31.05 -1.71 -8.21
N ALA A 125 30.12 -2.46 -8.77
CA ALA A 125 29.97 -3.86 -8.44
C ALA A 125 30.28 -4.69 -9.65
N PRO A 126 30.81 -5.90 -9.44
CA PRO A 126 31.08 -6.80 -10.56
C PRO A 126 29.72 -7.32 -11.02
N SER A 127 29.61 -7.57 -12.30
CA SER A 127 28.30 -7.85 -12.88
C SER A 127 27.62 -9.07 -12.29
N LYS A 128 28.36 -9.93 -11.60
CA LYS A 128 27.78 -11.15 -11.00
C LYS A 128 26.84 -10.85 -9.84
N LEU A 129 26.99 -9.68 -9.22
CA LEU A 129 26.08 -9.26 -8.14
C LEU A 129 24.71 -8.81 -8.64
N LEU A 130 24.56 -8.67 -9.96
CA LEU A 130 23.22 -8.50 -10.54
C LEU A 130 22.34 -9.74 -10.40
N ALA A 131 22.90 -10.90 -10.03
CA ALA A 131 22.09 -12.11 -9.92
C ALA A 131 20.89 -11.85 -9.03
N SER A 132 19.73 -12.39 -9.44
CA SER A 132 18.54 -12.38 -8.61
C SER A 132 17.75 -11.05 -8.67
N LEU A 133 18.32 -10.02 -9.31
CA LEU A 133 17.70 -8.70 -9.41
C LEU A 133 16.82 -8.59 -10.67
N PRO A 134 15.99 -7.56 -10.79
CA PRO A 134 15.11 -7.39 -11.97
C PRO A 134 15.81 -7.10 -13.29
N ARG A 135 15.26 -7.55 -14.41
CA ARG A 135 15.76 -7.14 -15.73
C ARG A 135 15.73 -5.62 -15.90
N GLY A 136 16.85 -5.05 -16.35
CA GLY A 136 16.99 -3.62 -16.52
C GLY A 136 17.70 -2.97 -15.34
N SER A 137 17.86 -3.71 -14.25
CA SER A 137 18.50 -3.20 -13.05
C SER A 137 20.01 -3.43 -13.09
N THR A 138 20.77 -2.35 -12.99
CA THR A 138 22.23 -2.42 -12.93
C THR A 138 22.75 -2.26 -11.51
N GLY A 139 21.86 -2.25 -10.52
CA GLY A 139 22.26 -2.28 -9.12
C GLY A 139 21.18 -1.94 -8.09
N VAL A 140 21.59 -1.27 -7.01
CA VAL A 140 20.73 -1.05 -5.83
C VAL A 140 20.82 0.39 -5.30
N ALA A 141 19.69 1.08 -5.16
CA ALA A 141 19.62 2.33 -4.42
C ALA A 141 19.23 2.03 -3.00
N GLY A 142 20.20 2.15 -2.11
CA GLY A 142 19.98 1.96 -0.69
C GLY A 142 19.26 3.17 -0.14
N LEU A 143 18.19 2.93 0.62
CA LEU A 143 17.39 4.00 1.19
C LEU A 143 17.47 4.02 2.70
N ALA A 144 18.52 3.44 3.27
CA ALA A 144 18.70 3.38 4.71
C ALA A 144 19.14 4.73 5.26
N ASN A 145 19.12 4.83 6.59
CA ASN A 145 19.60 6.00 7.32
C ASN A 145 21.12 5.92 7.53
N SER A 146 21.85 6.22 6.47
CA SER A 146 23.29 6.31 6.52
C SER A 146 23.74 7.35 5.50
N GLY A 147 24.98 7.81 5.66
CA GLY A 147 25.47 8.97 4.92
C GLY A 147 25.61 8.82 3.42
N LEU A 148 25.84 7.61 2.92
CA LEU A 148 25.91 7.40 1.47
C LEU A 148 24.70 6.70 0.88
N ALA A 149 23.61 6.58 1.63
CA ALA A 149 22.33 6.17 1.01
C ALA A 149 21.79 7.31 0.14
N LEU A 150 20.96 6.96 -0.83
CA LEU A 150 20.46 7.93 -1.81
C LEU A 150 19.73 9.13 -1.22
N PRO A 151 18.84 8.95 -0.23
CA PRO A 151 18.14 10.08 0.37
C PRO A 151 19.07 11.07 1.07
N ALA A 152 20.07 10.59 1.80
CA ALA A 152 21.05 11.48 2.39
C ALA A 152 21.83 12.23 1.29
N GLN A 153 22.23 11.54 0.23
CA GLN A 153 23.08 12.16 -0.78
C GLN A 153 22.30 13.25 -1.53
N VAL A 154 21.05 12.95 -1.85
CA VAL A 154 20.19 13.91 -2.51
C VAL A 154 19.94 15.11 -1.58
N ALA A 155 19.76 14.84 -0.29
CA ALA A 155 19.58 15.90 0.69
C ALA A 155 20.72 16.95 0.65
N SER A 156 21.98 16.53 0.73
CA SER A 156 23.09 17.49 0.73
C SER A 156 23.30 18.11 -0.64
N ALA A 157 23.34 17.28 -1.67
CA ALA A 157 23.47 17.75 -3.06
C ALA A 157 22.44 18.83 -3.39
N GLN A 158 21.16 18.58 -3.11
CA GLN A 158 20.08 19.52 -3.48
C GLN A 158 19.70 20.57 -2.40
N LYS A 159 20.37 20.53 -1.25
CA LYS A 159 19.99 21.34 -0.07
C LYS A 159 18.50 21.20 0.28
N VAL A 160 18.08 19.94 0.42
CA VAL A 160 16.74 19.57 0.90
C VAL A 160 16.85 18.67 2.14
N ALA A 161 15.70 18.34 2.71
CA ALA A 161 15.63 17.56 3.94
C ALA A 161 16.12 16.12 3.77
N ASN A 162 16.82 15.61 4.78
CA ASN A 162 17.19 14.20 4.86
C ASN A 162 15.89 13.42 5.20
N ARG A 163 15.09 13.22 4.16
CA ARG A 163 13.75 12.67 4.29
C ARG A 163 13.24 12.18 2.91
N PHE A 164 12.39 11.15 2.91
CA PHE A 164 11.89 10.64 1.65
C PHE A 164 10.51 10.02 1.79
N LEU A 165 9.80 10.00 0.69
CA LEU A 165 8.46 9.52 0.63
C LEU A 165 8.43 8.30 -0.29
N LEU A 166 7.79 7.22 0.19
CA LEU A 166 7.54 6.03 -0.63
C LEU A 166 6.06 5.78 -0.77
N CYS A 167 5.66 5.46 -2.00
CA CYS A 167 4.32 5.00 -2.28
C CYS A 167 4.57 3.82 -3.22
N LEU A 168 4.79 2.66 -2.61
CA LEU A 168 5.08 1.43 -3.32
C LEU A 168 3.78 0.93 -3.95
N PRO A 169 3.80 0.67 -5.26
CA PRO A 169 2.62 0.25 -6.01
C PRO A 169 2.39 -1.25 -6.11
N THR A 170 1.14 -1.69 -6.27
CA THR A 170 0.84 -3.11 -6.54
C THR A 170 1.10 -3.39 -8.00
N GLY A 171 0.82 -2.39 -8.83
CA GLY A 171 1.25 -2.37 -10.22
C GLY A 171 1.11 -0.96 -10.74
N GLY A 172 1.52 -0.69 -11.98
CA GLY A 172 1.55 0.69 -12.46
C GLY A 172 2.66 1.47 -11.75
N PRO A 173 2.89 2.71 -12.17
CA PRO A 173 3.93 3.55 -11.56
C PRO A 173 3.52 4.16 -10.20
N GLY A 174 4.23 3.76 -9.15
CA GLY A 174 4.21 4.44 -7.86
C GLY A 174 5.20 5.59 -7.79
N VAL A 175 5.55 5.97 -6.57
CA VAL A 175 6.20 7.25 -6.31
C VAL A 175 7.31 7.16 -5.26
N ALA A 176 8.42 7.82 -5.53
CA ALA A 176 9.53 7.98 -4.58
C ALA A 176 9.92 9.43 -4.69
N ILE A 177 9.81 10.18 -3.60
CA ILE A 177 10.25 11.56 -3.58
C ILE A 177 11.31 11.69 -2.52
N PHE A 178 12.47 12.22 -2.90
CA PHE A 178 13.58 12.47 -1.98
C PHE A 178 13.71 13.97 -1.67
N GLY A 179 13.60 14.36 -0.41
CA GLY A 179 13.84 15.73 0.00
C GLY A 179 12.73 16.37 0.82
N GLY A 180 11.60 15.70 0.89
CA GLY A 180 10.56 16.14 1.79
C GLY A 180 9.78 17.30 1.22
N GLY A 181 9.61 18.33 2.03
CA GLY A 181 8.58 19.31 1.75
C GLY A 181 7.22 18.68 2.07
N PRO A 182 6.14 19.37 1.74
CA PRO A 182 4.84 18.94 2.26
C PRO A 182 4.34 17.68 1.52
N VAL A 183 3.73 16.81 2.33
CA VAL A 183 3.16 15.55 1.87
C VAL A 183 2.02 15.82 0.89
N PRO A 184 2.10 15.29 -0.32
CA PRO A 184 1.02 15.49 -1.29
C PRO A 184 -0.20 14.59 -1.01
N TRP A 185 -1.22 14.78 -1.85
CA TRP A 185 -2.46 14.03 -1.74
C TRP A 185 -3.07 14.21 -0.36
N PRO A 186 -3.38 15.44 0.01
CA PRO A 186 -4.01 15.68 1.30
C PRO A 186 -5.33 14.94 1.45
N GLN A 187 -6.02 14.66 0.36
CA GLN A 187 -7.25 13.84 0.45
C GLN A 187 -7.01 12.44 1.07
N PHE A 188 -5.75 11.99 1.08
CA PHE A 188 -5.35 10.73 1.70
C PHE A 188 -4.34 10.89 2.81
N THR A 189 -3.71 12.07 2.91
CA THR A 189 -2.55 12.24 3.81
C THR A 189 -2.71 13.32 4.91
N GLN A 190 -3.76 14.13 4.84
CA GLN A 190 -3.93 15.22 5.79
C GLN A 190 -3.86 14.79 7.25
N SER A 191 -4.44 13.64 7.59
CA SER A 191 -4.47 13.19 8.99
C SER A 191 -3.46 12.06 9.25
N MET A 192 -2.31 12.13 8.58
CA MET A 192 -1.34 11.06 8.57
C MET A 192 -0.74 10.88 9.96
N PRO A 193 -0.85 9.68 10.52
CA PRO A 193 -0.24 9.43 11.83
C PRO A 193 1.27 9.17 11.72
N TYR A 194 1.99 9.48 12.80
CA TYR A 194 3.44 9.28 12.88
C TYR A 194 3.81 8.34 14.01
N THR A 195 4.92 7.63 13.84
CA THR A 195 5.46 6.76 14.86
C THR A 195 6.96 6.94 14.83
N PRO A 196 7.63 7.04 15.96
CA PRO A 196 9.08 7.23 15.95
C PRO A 196 9.86 6.23 15.11
N LEU A 197 10.93 6.73 14.50
CA LEU A 197 12.00 5.88 14.00
C LEU A 197 13.01 5.66 15.11
N VAL A 198 13.33 4.39 15.34
CA VAL A 198 14.25 3.98 16.35
C VAL A 198 15.52 3.55 15.60
N THR A 199 16.63 4.14 16.01
CA THR A 199 17.93 3.80 15.49
C THR A 199 18.50 2.69 16.36
N LYS A 200 18.85 1.55 15.78
CA LYS A 200 19.47 0.46 16.53
C LYS A 200 20.98 0.44 16.29
N GLY A 201 21.76 0.27 17.37
CA GLY A 201 23.20 0.22 17.25
C GLY A 201 23.65 -0.70 16.13
N GLY A 202 24.51 -0.19 15.25
CA GLY A 202 25.17 -1.01 14.24
C GLY A 202 24.30 -1.40 13.07
N SER A 203 23.18 -0.68 12.94
CA SER A 203 22.23 -0.88 11.85
C SER A 203 21.84 0.47 11.29
N PRO A 204 21.84 0.61 9.97
CA PRO A 204 21.27 1.79 9.33
C PRO A 204 19.79 1.61 8.98
N ALA A 205 19.21 0.44 9.19
CA ALA A 205 17.82 0.18 8.84
C ALA A 205 16.85 0.99 9.69
N HIS A 206 15.65 1.13 9.14
CA HIS A 206 14.59 1.91 9.76
C HIS A 206 13.76 0.96 10.59
N TYR A 207 13.62 1.29 11.86
CA TYR A 207 12.82 0.48 12.76
C TYR A 207 11.72 1.32 13.39
N ILE A 208 10.61 0.66 13.71
CA ILE A 208 9.52 1.25 14.46
C ILE A 208 9.04 0.29 15.58
N SER A 209 8.13 0.74 16.44
CA SER A 209 7.81 -0.04 17.64
C SER A 209 6.33 -0.39 17.67
N ALA A 210 6.05 -1.68 17.75
CA ALA A 210 4.68 -2.15 17.91
C ALA A 210 4.47 -2.70 19.31
N ARG A 211 3.26 -2.53 19.79
CA ARG A 211 2.91 -2.90 21.16
C ARG A 211 1.85 -4.00 21.18
N SER A 212 1.24 -4.31 20.05
CA SER A 212 0.19 -5.30 20.00
C SER A 212 -0.04 -5.73 18.56
N ILE A 213 -0.45 -6.99 18.37
CA ILE A 213 -1.01 -7.47 17.11
C ILE A 213 -2.44 -7.92 17.39
N VAL A 214 -3.36 -7.59 16.48
CA VAL A 214 -4.77 -7.98 16.60
C VAL A 214 -5.16 -8.70 15.32
N VAL A 215 -5.79 -9.87 15.45
CA VAL A 215 -6.28 -10.64 14.30
C VAL A 215 -7.78 -10.80 14.46
N GLY A 216 -8.54 -10.29 13.50
CA GLY A 216 -9.97 -10.12 13.68
C GLY A 216 -10.22 -9.25 14.89
N ASP A 217 -10.99 -9.76 15.84
CA ASP A 217 -11.20 -9.09 17.13
C ASP A 217 -10.27 -9.68 18.20
N THR A 218 -9.89 -10.94 18.02
CA THR A 218 -8.97 -11.66 18.92
C THR A 218 -7.54 -11.07 18.93
N ARG A 219 -7.13 -10.51 20.06
CA ARG A 219 -5.79 -9.95 20.23
C ARG A 219 -4.77 -11.07 20.50
N VAL A 220 -3.62 -11.03 19.85
CA VAL A 220 -2.65 -12.13 19.87
C VAL A 220 -1.78 -12.11 21.12
N PRO A 221 -1.57 -13.27 21.79
CA PRO A 221 -0.79 -13.32 23.04
C PRO A 221 0.71 -13.56 22.84
N VAL A 222 1.50 -12.49 22.92
CA VAL A 222 2.96 -12.59 22.91
C VAL A 222 3.50 -12.10 24.25
N PRO A 223 4.68 -12.59 24.66
CA PRO A 223 5.31 -12.05 25.89
C PRO A 223 5.21 -10.51 25.93
N GLU A 224 4.75 -9.93 27.04
CA GLU A 224 4.75 -8.46 27.16
C GLU A 224 6.20 -7.97 26.99
N GLY A 225 6.49 -7.38 25.84
CA GLY A 225 7.84 -6.93 25.53
C GLY A 225 8.68 -7.95 24.77
N ALA A 226 8.02 -8.78 23.96
CA ALA A 226 8.66 -9.38 22.80
C ALA A 226 8.41 -8.44 21.61
N LEU A 227 7.45 -7.53 21.80
CA LEU A 227 7.26 -6.37 20.92
C LEU A 227 7.80 -5.15 21.64
N ALA A 228 9.08 -4.89 21.43
CA ALA A 228 9.83 -3.93 22.22
C ALA A 228 10.11 -2.69 21.37
N THR A 229 10.89 -1.76 21.90
CA THR A 229 11.23 -0.55 21.16
C THR A 229 12.13 -0.90 19.96
N GLY A 230 11.71 -0.42 18.79
CA GLY A 230 12.37 -0.70 17.54
C GLY A 230 12.36 -2.16 17.11
N GLY A 231 11.36 -2.93 17.54
CA GLY A 231 11.26 -4.35 17.24
C GLY A 231 10.63 -4.68 15.89
N VAL A 232 10.24 -3.64 15.13
CA VAL A 232 9.74 -3.82 13.77
C VAL A 232 10.67 -3.12 12.77
N MET A 233 11.16 -3.86 11.79
CA MET A 233 12.00 -3.36 10.73
C MET A 233 11.18 -3.27 9.45
N LEU A 234 11.53 -2.33 8.61
CA LEU A 234 10.91 -2.25 7.30
C LEU A 234 11.92 -2.69 6.25
N SER A 235 11.47 -3.53 5.31
CA SER A 235 12.29 -3.95 4.17
C SER A 235 11.51 -4.06 2.86
N THR A 236 12.27 -3.88 1.78
CA THR A 236 11.79 -4.12 0.43
C THR A 236 12.52 -5.29 -0.23
N ARG A 237 13.03 -6.21 0.58
CA ARG A 237 13.85 -7.35 0.09
C ARG A 237 12.97 -8.52 -0.22
N LEU A 238 11.95 -8.71 0.61
CA LEU A 238 10.98 -9.79 0.47
C LEU A 238 9.57 -9.20 0.40
N PRO A 239 8.65 -9.83 -0.30
CA PRO A 239 7.26 -9.35 -0.34
C PRO A 239 6.48 -9.69 0.93
N TYR A 240 7.00 -10.64 1.71
CA TYR A 240 6.30 -11.11 2.89
C TYR A 240 6.94 -10.63 4.19
N VAL A 241 6.21 -10.88 5.28
CA VAL A 241 6.62 -10.54 6.63
C VAL A 241 7.41 -11.68 7.26
N LEU A 242 8.54 -11.32 7.85
CA LEU A 242 9.36 -12.24 8.61
C LEU A 242 9.11 -12.03 10.08
N LEU A 243 9.06 -13.13 10.83
CA LEU A 243 8.59 -13.09 12.21
C LEU A 243 9.44 -13.96 13.13
N ARG A 244 9.80 -13.43 14.30
CA ARG A 244 10.52 -14.20 15.31
C ARG A 244 9.58 -15.29 15.88
N PRO A 245 10.11 -16.50 16.10
CA PRO A 245 9.28 -17.64 16.56
C PRO A 245 8.33 -17.42 17.76
N ASP A 246 8.74 -16.64 18.76
CA ASP A 246 7.84 -16.32 19.88
C ASP A 246 6.58 -15.56 19.40
N VAL A 247 6.72 -14.86 18.28
CA VAL A 247 5.62 -14.13 17.62
C VAL A 247 4.96 -14.94 16.51
N TYR A 248 5.74 -15.70 15.75
CA TYR A 248 5.23 -16.44 14.62
C TYR A 248 4.14 -17.40 15.03
N ARG A 249 4.41 -18.25 16.02
CA ARG A 249 3.49 -19.34 16.39
C ARG A 249 2.15 -18.81 16.89
N PRO A 250 2.16 -17.88 17.84
CA PRO A 250 0.90 -17.27 18.25
C PRO A 250 0.16 -16.54 17.11
N LEU A 251 0.87 -15.78 16.28
CA LEU A 251 0.17 -15.00 15.25
C LEU A 251 -0.45 -15.93 14.23
N MET A 252 0.29 -16.95 13.81
CA MET A 252 -0.22 -17.88 12.82
C MET A 252 -1.32 -18.78 13.39
N ASP A 253 -1.22 -19.19 14.66
CA ASP A 253 -2.34 -19.94 15.27
C ASP A 253 -3.64 -19.15 15.15
N ALA A 254 -3.62 -17.92 15.67
CA ALA A 254 -4.79 -17.02 15.68
C ALA A 254 -5.33 -16.71 14.28
N PHE A 255 -4.45 -16.70 13.29
CA PHE A 255 -4.77 -16.32 11.93
C PHE A 255 -5.49 -17.45 11.22
N THR A 256 -4.92 -18.65 11.25
CA THR A 256 -5.57 -19.87 10.70
C THR A 256 -6.92 -20.19 11.34
N LYS A 257 -7.02 -20.04 12.66
CA LYS A 257 -8.29 -20.17 13.37
C LYS A 257 -9.35 -19.19 12.88
N ALA A 258 -9.05 -17.89 12.93
CA ALA A 258 -10.03 -16.88 12.50
C ALA A 258 -10.44 -17.15 11.05
N LEU A 259 -9.50 -17.67 10.24
CA LEU A 259 -9.79 -18.01 8.86
C LEU A 259 -10.78 -19.19 8.78
N ALA A 260 -10.55 -20.22 9.59
CA ALA A 260 -11.38 -21.42 9.59
C ALA A 260 -12.82 -21.14 10.05
N ALA A 261 -12.97 -20.16 10.95
CA ALA A 261 -14.27 -19.82 11.57
C ALA A 261 -15.08 -18.76 10.81
N GLN A 262 -14.70 -18.45 9.58
CA GLN A 262 -15.31 -17.32 8.84
C GLN A 262 -16.64 -17.66 8.12
N GLY A 266 -23.07 -20.90 5.66
CA GLY A 266 -22.50 -22.00 4.92
C GLY A 266 -21.65 -21.57 3.72
N ALA A 267 -20.75 -20.58 3.93
CA ALA A 267 -19.76 -20.16 2.92
C ALA A 267 -18.61 -21.19 2.91
N PRO A 268 -17.89 -21.30 1.79
CA PRO A 268 -16.84 -22.34 1.65
C PRO A 268 -15.66 -22.18 2.65
N VAL A 269 -15.39 -23.20 3.48
CA VAL A 269 -14.29 -23.14 4.46
C VAL A 269 -12.94 -23.34 3.75
N ALA A 270 -11.92 -22.58 4.17
CA ALA A 270 -10.63 -22.55 3.49
C ALA A 270 -9.91 -23.87 3.62
N ARG A 271 -9.43 -24.40 2.49
CA ARG A 271 -8.70 -25.67 2.47
C ARG A 271 -7.20 -25.40 2.34
N ALA A 272 -6.42 -25.86 3.31
CA ALA A 272 -4.96 -25.81 3.23
C ALA A 272 -4.42 -26.79 2.18
N VAL A 273 -3.49 -26.33 1.34
CA VAL A 273 -2.77 -27.21 0.39
C VAL A 273 -1.31 -27.38 0.82
N VAL A 274 -0.51 -28.12 0.06
CA VAL A 274 0.89 -28.36 0.46
C VAL A 274 1.62 -27.02 0.45
N ALA A 275 2.26 -26.69 1.58
CA ALA A 275 3.12 -25.50 1.69
C ALA A 275 4.05 -25.33 0.49
N VAL A 276 4.20 -24.10 0.05
CA VAL A 276 5.18 -23.80 -1.00
C VAL A 276 6.33 -22.97 -0.44
N ALA A 277 7.53 -23.31 -0.87
CA ALA A 277 8.73 -22.66 -0.39
C ALA A 277 8.67 -21.18 -0.75
N PRO A 278 9.00 -20.27 0.19
CA PRO A 278 9.38 -20.59 1.58
C PRO A 278 8.27 -20.47 2.62
N PHE A 279 7.01 -20.48 2.21
CA PHE A 279 5.88 -20.23 3.12
C PHE A 279 5.56 -21.45 3.98
N GLY A 280 4.93 -21.21 5.12
CA GLY A 280 4.51 -22.25 6.05
C GLY A 280 3.06 -22.72 5.91
N VAL A 281 2.14 -21.83 5.51
CA VAL A 281 0.73 -22.17 5.36
C VAL A 281 0.18 -21.57 4.06
N CYS A 282 -0.36 -22.44 3.22
CA CYS A 282 -0.91 -22.11 1.91
C CYS A 282 -2.32 -22.67 1.73
N TYR A 283 -3.02 -22.13 0.74
CA TYR A 283 -4.45 -22.38 0.59
C TYR A 283 -4.83 -22.43 -0.85
N ASP A 284 -5.83 -23.26 -1.15
CA ASP A 284 -6.49 -23.31 -2.44
C ASP A 284 -7.37 -22.04 -2.58
N THR A 285 -7.06 -21.23 -3.60
CA THR A 285 -7.78 -19.96 -3.85
C THR A 285 -9.23 -20.13 -4.26
N LYS A 286 -9.56 -21.29 -4.84
CA LYS A 286 -10.95 -21.64 -5.12
C LYS A 286 -11.78 -21.63 -3.84
N THR A 287 -11.11 -21.76 -2.70
CA THR A 287 -11.78 -21.83 -1.41
C THR A 287 -11.69 -20.56 -0.56
N LEU A 288 -11.07 -19.53 -1.12
CA LEU A 288 -11.01 -18.21 -0.50
C LEU A 288 -11.98 -17.24 -1.16
N GLY A 289 -12.75 -16.53 -0.34
CA GLY A 289 -13.59 -15.45 -0.82
C GLY A 289 -12.75 -14.25 -1.26
N ASN A 290 -13.37 -13.31 -1.96
CA ASN A 290 -12.73 -12.04 -2.29
C ASN A 290 -13.57 -10.85 -1.84
N ASN A 291 -12.99 -9.98 -1.03
CA ASN A 291 -13.64 -8.73 -0.70
C ASN A 291 -12.78 -7.56 -1.17
N LEU A 292 -13.21 -6.35 -0.84
CA LEU A 292 -12.54 -5.13 -1.30
C LEU A 292 -11.08 -4.98 -0.83
N GLY A 293 -10.72 -5.64 0.28
CA GLY A 293 -9.37 -5.60 0.79
C GLY A 293 -8.42 -6.66 0.24
N GLY A 294 -8.94 -7.52 -0.63
CA GLY A 294 -8.19 -8.66 -1.13
C GLY A 294 -8.88 -9.95 -0.74
N TYR A 295 -8.11 -11.00 -0.52
CA TYR A 295 -8.67 -12.31 -0.17
C TYR A 295 -9.33 -12.17 1.17
N ALA A 296 -10.47 -12.84 1.34
CA ALA A 296 -11.31 -12.73 2.53
C ALA A 296 -10.67 -13.55 3.67
N VAL A 297 -9.66 -12.95 4.28
CA VAL A 297 -8.93 -13.52 5.39
C VAL A 297 -9.01 -12.47 6.49
N PRO A 298 -8.73 -12.84 7.73
CA PRO A 298 -8.83 -11.91 8.85
C PRO A 298 -7.95 -10.66 8.69
N ASN A 299 -8.48 -9.49 9.01
CA ASN A 299 -7.67 -8.29 9.06
C ASN A 299 -6.65 -8.41 10.18
N VAL A 300 -5.51 -7.75 10.00
CA VAL A 300 -4.43 -7.74 10.99
C VAL A 300 -3.98 -6.33 11.30
N GLN A 301 -3.82 -6.09 12.59
CA GLN A 301 -3.63 -4.76 13.12
C GLN A 301 -2.37 -4.77 13.92
N LEU A 302 -1.35 -4.09 13.41
CA LEU A 302 -0.12 -3.78 14.18
C LEU A 302 -0.32 -2.48 14.96
N GLY A 303 -0.38 -2.54 16.28
CA GLY A 303 -0.55 -1.33 17.07
C GLY A 303 0.76 -0.61 17.26
N LEU A 304 1.01 0.45 16.51
CA LEU A 304 2.27 1.16 16.60
C LEU A 304 2.22 2.28 17.63
N ASP A 305 3.36 2.56 18.28
CA ASP A 305 3.51 3.75 19.12
C ASP A 305 2.93 4.92 18.36
N GLY A 306 2.21 5.79 19.06
CA GLY A 306 1.56 6.92 18.45
C GLY A 306 0.05 6.73 18.39
N GLY A 307 -0.43 5.58 18.84
CA GLY A 307 -1.86 5.30 18.95
C GLY A 307 -2.65 4.94 17.70
N SER A 308 -1.96 4.76 16.59
CA SER A 308 -2.60 4.38 15.33
C SER A 308 -2.08 3.04 14.89
N ASP A 309 -2.92 2.25 14.26
CA ASP A 309 -2.53 0.93 13.81
C ASP A 309 -2.06 0.91 12.37
N TRP A 310 -1.18 -0.04 12.09
CA TRP A 310 -0.80 -0.44 10.73
C TRP A 310 -1.62 -1.65 10.32
N THR A 311 -2.50 -1.51 9.33
CA THR A 311 -3.39 -2.61 8.99
C THR A 311 -3.00 -3.37 7.73
N MET A 312 -3.23 -4.68 7.79
CA MET A 312 -3.02 -5.59 6.70
C MET A 312 -4.34 -6.26 6.37
N THR A 313 -4.72 -6.21 5.11
CA THR A 313 -5.84 -6.98 4.60
C THR A 313 -5.27 -8.06 3.75
N GLY A 314 -6.13 -8.79 3.07
CA GLY A 314 -5.73 -9.96 2.29
C GLY A 314 -4.58 -9.60 1.35
N LYS A 315 -4.66 -8.38 0.78
CA LYS A 315 -3.71 -7.94 -0.25
C LYS A 315 -2.30 -7.84 0.27
N ASN A 316 -2.20 -7.76 1.60
CA ASN A 316 -0.95 -7.61 2.35
C ASN A 316 -0.54 -8.90 3.07
N SER A 317 -1.52 -9.73 3.46
CA SER A 317 -1.28 -10.89 4.32
C SER A 317 -1.31 -12.21 3.55
N MET A 318 -1.46 -12.14 2.23
CA MET A 318 -1.55 -13.33 1.37
C MET A 318 -0.82 -13.07 0.07
N VAL A 319 0.06 -13.97 -0.33
CA VAL A 319 0.78 -13.84 -1.59
C VAL A 319 0.34 -14.90 -2.56
N ASP A 320 0.08 -14.52 -3.79
CA ASP A 320 -0.15 -15.48 -4.85
C ASP A 320 1.21 -16.04 -5.27
N VAL A 321 1.27 -17.36 -5.44
CA VAL A 321 2.51 -18.06 -5.71
C VAL A 321 2.43 -18.83 -7.03
N LYS A 322 1.38 -19.65 -7.17
CA LYS A 322 0.94 -20.21 -8.46
C LYS A 322 -0.53 -19.87 -8.69
N GLN A 323 -1.01 -20.21 -9.88
CA GLN A 323 -2.43 -20.24 -10.18
C GLN A 323 -2.99 -21.37 -9.34
N GLY A 324 -4.01 -21.07 -8.55
CA GLY A 324 -4.58 -22.03 -7.62
C GLY A 324 -4.13 -21.90 -6.18
N THR A 325 -2.99 -21.24 -5.93
CA THR A 325 -2.38 -21.23 -4.60
C THR A 325 -1.96 -19.80 -4.10
N ALA A 326 -2.45 -19.44 -2.91
CA ALA A 326 -1.98 -18.26 -2.22
C ALA A 326 -1.57 -18.70 -0.83
N CYS A 327 -0.44 -18.16 -0.38
CA CYS A 327 0.16 -18.51 0.89
C CYS A 327 0.08 -17.33 1.84
N VAL A 328 0.14 -17.62 3.14
CA VAL A 328 0.09 -16.63 4.20
C VAL A 328 1.44 -15.96 4.29
N ALA A 329 1.40 -14.62 4.25
CA ALA A 329 2.57 -13.77 4.10
C ALA A 329 3.25 -13.51 5.44
N PHE A 330 3.17 -14.49 6.35
CA PHE A 330 3.93 -14.46 7.59
C PHE A 330 4.88 -15.64 7.54
N VAL A 331 6.18 -15.38 7.53
CA VAL A 331 7.19 -16.45 7.54
C VAL A 331 8.15 -16.36 8.73
N GLU A 332 8.38 -17.51 9.34
CA GLU A 332 9.27 -17.66 10.49
C GLU A 332 10.73 -17.44 10.12
N MET A 333 11.42 -16.64 10.92
CA MET A 333 12.86 -16.45 10.77
C MET A 333 13.54 -17.78 11.17
N LYS A 334 14.51 -18.21 10.38
CA LYS A 334 15.30 -19.40 10.68
C LYS A 334 16.62 -18.98 11.35
N GLY A 335 17.22 -19.90 12.11
CA GLY A 335 18.52 -19.69 12.76
C GLY A 335 18.51 -18.65 13.86
N VAL A 336 17.32 -18.40 14.42
CA VAL A 336 17.13 -17.39 15.45
C VAL A 336 16.33 -18.01 16.62
N ALA A 337 16.81 -17.76 17.83
CA ALA A 337 16.11 -18.20 19.03
C ALA A 337 14.96 -17.24 19.33
N ALA A 338 13.81 -17.82 19.70
CA ALA A 338 12.66 -17.05 20.18
C ALA A 338 13.05 -16.04 21.29
N GLY A 339 12.45 -14.85 21.24
CA GLY A 339 12.60 -13.83 22.28
C GLY A 339 13.97 -13.18 22.37
N ASP A 340 14.76 -13.29 21.30
CA ASP A 340 16.14 -12.80 21.24
C ASP A 340 16.14 -11.32 20.79
N GLY A 341 16.26 -10.40 21.76
CA GLY A 341 16.17 -8.96 21.51
C GLY A 341 17.10 -8.39 20.45
N ARG A 342 18.17 -9.11 20.12
CA ARG A 342 19.15 -8.68 19.08
C ARG A 342 18.54 -8.70 17.66
N ALA A 343 17.46 -9.47 17.47
CA ALA A 343 16.74 -9.53 16.21
C ALA A 343 15.41 -8.81 16.31
N PRO A 344 14.95 -8.19 15.22
CA PRO A 344 13.58 -7.66 15.18
C PRO A 344 12.57 -8.77 15.39
N ALA A 345 11.50 -8.47 16.09
CA ALA A 345 10.39 -9.40 16.19
C ALA A 345 9.63 -9.51 14.86
N VAL A 346 9.51 -8.41 14.13
CA VAL A 346 8.75 -8.38 12.88
C VAL A 346 9.57 -7.65 11.85
N ILE A 347 9.60 -8.18 10.64
CA ILE A 347 10.17 -7.48 9.49
C ILE A 347 9.09 -7.35 8.44
N LEU A 348 8.43 -6.19 8.45
CA LEU A 348 7.43 -5.90 7.43
C LEU A 348 8.15 -5.85 6.11
N GLY A 349 7.54 -6.40 5.08
CA GLY A 349 8.09 -6.34 3.73
C GLY A 349 7.18 -5.58 2.77
N GLY A 350 7.35 -5.85 1.49
CA GLY A 350 6.91 -4.96 0.45
C GLY A 350 5.42 -4.95 0.21
N ALA A 351 4.82 -6.12 0.13
CA ALA A 351 3.36 -6.19 -0.04
C ALA A 351 2.60 -5.60 1.15
N GLN A 352 3.24 -5.47 2.31
CA GLN A 352 2.61 -4.87 3.48
C GLN A 352 2.77 -3.35 3.50
N MET A 353 3.65 -2.83 2.64
CA MET A 353 3.89 -1.40 2.46
C MET A 353 3.28 -0.84 1.17
N GLU A 354 2.82 -1.72 0.31
CA GLU A 354 2.19 -1.29 -0.94
C GLU A 354 0.91 -0.52 -0.59
N ASP A 355 0.61 0.55 -1.32
CA ASP A 355 -0.60 1.35 -1.14
C ASP A 355 -0.66 1.98 0.26
N PHE A 356 0.50 2.23 0.82
CA PHE A 356 0.67 3.13 1.94
C PHE A 356 1.54 4.25 1.41
N VAL A 357 1.20 5.49 1.79
CA VAL A 357 2.10 6.65 1.69
C VAL A 357 2.96 6.69 2.97
N LEU A 358 4.27 6.56 2.79
CA LEU A 358 5.22 6.52 3.87
C LEU A 358 6.15 7.71 3.77
N ASP A 359 6.17 8.50 4.85
CA ASP A 359 7.07 9.62 5.00
C ASP A 359 8.18 9.22 5.99
N PHE A 360 9.35 8.83 5.49
CA PHE A 360 10.50 8.54 6.34
C PHE A 360 11.21 9.86 6.63
N ASP A 361 11.04 10.40 7.81
CA ASP A 361 11.64 11.68 8.17
C ASP A 361 12.77 11.43 9.16
N MET A 362 14.00 11.46 8.66
CA MET A 362 15.14 11.09 9.48
C MET A 362 15.70 12.28 10.24
N GLU A 363 15.14 13.46 10.01
CA GLU A 363 15.49 14.66 10.76
C GLU A 363 14.67 14.78 12.04
N LYS A 364 13.35 14.62 11.94
CA LYS A 364 12.51 14.54 13.13
C LYS A 364 12.40 13.12 13.67
N LYS A 365 12.97 12.14 12.95
CA LYS A 365 13.02 10.72 13.32
C LYS A 365 11.63 10.13 13.62
N ARG A 366 10.79 10.20 12.59
CA ARG A 366 9.43 9.71 12.64
C ARG A 366 8.97 9.19 11.27
N LEU A 367 8.18 8.11 11.27
CA LEU A 367 7.59 7.56 10.06
C LEU A 367 6.11 7.91 9.99
N GLY A 368 5.73 8.60 8.92
CA GLY A 368 4.34 8.85 8.64
C GLY A 368 3.81 7.73 7.79
N PHE A 369 2.62 7.22 8.11
CA PHE A 369 2.03 6.11 7.34
C PHE A 369 0.52 6.29 7.14
N SER A 370 0.12 6.54 5.91
CA SER A 370 -1.29 6.62 5.59
C SER A 370 -1.66 5.49 4.65
N ARG A 371 -2.56 4.63 5.09
CA ARG A 371 -3.10 3.55 4.29
C ARG A 371 -4.10 4.10 3.27
N LEU A 372 -3.83 3.92 1.99
CA LEU A 372 -4.73 4.39 0.96
C LEU A 372 -6.02 3.58 1.04
N PRO A 373 -7.17 4.19 0.78
CA PRO A 373 -8.43 3.45 0.86
C PRO A 373 -8.52 2.54 -0.35
N HIS A 374 -9.45 1.59 -0.36
CA HIS A 374 -9.44 0.47 -1.32
C HIS A 374 -9.53 0.90 -2.80
N PHE A 375 -10.21 2.03 -3.07
CA PHE A 375 -10.53 2.46 -4.43
C PHE A 375 -9.39 3.16 -5.15
N THR A 376 -8.26 3.36 -4.48
CA THR A 376 -7.10 3.89 -5.17
C THR A 376 -5.83 3.14 -4.75
N GLY A 377 -4.69 3.52 -5.31
CA GLY A 377 -3.43 2.87 -5.03
C GLY A 377 -2.25 3.73 -5.49
N CYS A 378 -1.07 3.42 -4.97
CA CYS A 378 0.15 4.14 -5.32
C CYS A 378 0.35 4.14 -6.83
N GLY A 379 0.09 2.99 -7.47
CA GLY A 379 0.18 2.86 -8.91
C GLY A 379 -0.74 3.80 -9.68
N GLY A 380 -0.16 4.70 -10.46
CA GLY A 380 -0.98 5.66 -11.19
C GLY A 380 -1.33 6.89 -10.38
N LEU A 381 -1.01 6.92 -9.08
CA LEU A 381 -1.27 8.09 -8.24
C LEU A 381 -0.35 9.24 -8.63
N SER B 2 -37.45 -3.60 -4.06
CA SER B 2 -36.91 -4.06 -2.74
C SER B 2 -35.52 -4.64 -2.89
N THR B 3 -34.64 -4.30 -1.96
CA THR B 3 -33.23 -4.71 -1.99
C THR B 3 -33.00 -6.15 -1.51
N ASP B 4 -32.05 -6.85 -2.13
CA ASP B 4 -31.76 -8.22 -1.73
C ASP B 4 -30.30 -8.45 -1.32
N TYR B 5 -29.51 -7.39 -1.16
CA TYR B 5 -28.06 -7.53 -0.91
C TYR B 5 -27.54 -6.58 0.13
N TRP B 6 -26.61 -7.09 0.92
CA TRP B 6 -25.97 -6.42 2.05
C TRP B 6 -24.44 -6.42 1.87
N GLN B 7 -23.88 -5.25 1.49
CA GLN B 7 -22.43 -5.01 1.44
C GLN B 7 -21.97 -4.56 2.83
N ASN B 8 -20.89 -5.14 3.32
CA ASN B 8 -20.40 -4.81 4.65
C ASN B 8 -18.96 -5.24 4.81
N TRP B 9 -18.05 -4.38 4.40
CA TRP B 9 -16.63 -4.67 4.45
C TRP B 9 -15.89 -3.62 5.27
N THR B 10 -15.04 -4.09 6.16
CA THR B 10 -14.11 -3.23 6.89
C THR B 10 -12.67 -3.76 6.85
N ASP B 11 -11.68 -2.87 6.89
CA ASP B 11 -10.30 -3.33 6.97
C ASP B 11 -9.89 -3.50 8.43
N GLY B 12 -10.83 -3.23 9.33
CA GLY B 12 -10.70 -3.56 10.73
C GLY B 12 -10.19 -2.40 11.57
N GLY B 13 -9.84 -1.28 10.92
CA GLY B 13 -9.36 -0.09 11.59
C GLY B 13 -10.47 0.65 12.30
N GLY B 14 -10.23 1.04 13.56
CA GLY B 14 -11.21 1.66 14.43
C GLY B 14 -12.52 0.89 14.56
N ILE B 15 -13.58 1.61 14.93
CA ILE B 15 -14.86 1.02 15.22
C ILE B 15 -15.82 1.33 14.08
N VAL B 16 -16.44 0.26 13.56
CA VAL B 16 -17.42 0.35 12.51
C VAL B 16 -18.61 -0.48 12.96
N ASN B 17 -19.63 0.20 13.47
CA ASN B 17 -20.89 -0.45 13.80
C ASN B 17 -21.92 -0.24 12.70
N ALA B 18 -22.15 -1.30 11.95
CA ALA B 18 -23.07 -1.28 10.84
C ALA B 18 -24.26 -2.16 11.18
N VAL B 19 -25.46 -1.63 10.92
CA VAL B 19 -26.73 -2.29 11.20
C VAL B 19 -27.47 -2.59 9.90
N ASN B 20 -27.74 -3.87 9.67
CA ASN B 20 -28.66 -4.31 8.61
C ASN B 20 -30.07 -4.19 9.14
N GLY B 21 -30.76 -3.12 8.72
CA GLY B 21 -32.11 -2.82 9.19
C GLY B 21 -33.21 -3.49 8.38
N SER B 22 -34.43 -2.97 8.54
CA SER B 22 -35.67 -3.56 8.00
C SER B 22 -35.88 -3.18 6.56
N GLY B 23 -36.10 -4.17 5.71
CA GLY B 23 -36.18 -3.92 4.28
C GLY B 23 -34.89 -3.28 3.76
N GLY B 24 -35.01 -2.04 3.27
CA GLY B 24 -33.92 -1.35 2.60
C GLY B 24 -33.09 -0.43 3.48
N ASN B 25 -33.34 -0.43 4.78
CA ASN B 25 -32.70 0.51 5.68
C ASN B 25 -31.41 -0.05 6.27
N TYR B 26 -30.41 0.82 6.34
CA TYR B 26 -29.17 0.53 7.05
C TYR B 26 -28.62 1.77 7.73
N SER B 27 -27.78 1.56 8.72
CA SER B 27 -27.08 2.66 9.37
C SER B 27 -25.63 2.29 9.63
N VAL B 28 -24.77 3.31 9.65
CA VAL B 28 -23.37 3.12 10.05
C VAL B 28 -22.95 4.26 10.94
N ASN B 29 -22.32 3.88 12.04
CA ASN B 29 -21.70 4.78 12.97
C ASN B 29 -20.22 4.31 13.04
N TRP B 30 -19.28 5.24 12.80
CA TRP B 30 -17.87 4.88 12.84
C TRP B 30 -17.00 5.91 13.47
N SER B 31 -15.85 5.45 13.99
CA SER B 31 -14.86 6.35 14.56
C SER B 31 -13.42 5.89 14.34
N ASN B 32 -12.56 6.82 13.93
CA ASN B 32 -11.13 6.57 13.86
C ASN B 32 -10.83 5.39 12.94
N THR B 33 -11.50 5.35 11.79
CA THR B 33 -11.39 4.19 10.93
C THR B 33 -10.14 4.26 10.14
N GLY B 34 -9.88 3.10 9.53
CA GLY B 34 -9.20 2.99 8.27
C GLY B 34 -10.23 3.13 7.16
N ASN B 35 -10.80 2.03 6.73
CA ASN B 35 -11.61 2.00 5.51
C ASN B 35 -12.78 1.05 5.60
N PHE B 36 -13.95 1.47 5.16
CA PHE B 36 -15.09 0.57 5.12
C PHE B 36 -16.08 0.93 4.04
N VAL B 37 -16.82 -0.09 3.57
CA VAL B 37 -17.88 0.10 2.60
C VAL B 37 -19.11 -0.70 3.07
N VAL B 38 -20.20 0.03 3.32
CA VAL B 38 -21.46 -0.55 3.72
C VAL B 38 -22.55 -0.02 2.79
N GLY B 39 -23.43 -0.90 2.33
CA GLY B 39 -24.58 -0.46 1.57
C GLY B 39 -25.64 -1.53 1.35
N LYS B 40 -26.86 -1.08 1.06
CA LYS B 40 -27.90 -1.98 0.60
C LYS B 40 -28.17 -1.76 -0.89
N GLY B 41 -28.36 -2.85 -1.62
CA GLY B 41 -28.86 -2.75 -2.97
C GLY B 41 -29.33 -4.09 -3.51
N TRP B 42 -28.80 -4.49 -4.66
CA TRP B 42 -29.24 -5.70 -5.34
C TRP B 42 -28.05 -6.58 -5.74
N THR B 43 -28.24 -7.89 -5.66
CA THR B 43 -27.25 -8.91 -6.03
C THR B 43 -26.86 -8.82 -7.48
N THR B 44 -27.82 -8.51 -8.34
CA THR B 44 -27.59 -8.34 -9.78
C THR B 44 -27.97 -6.92 -10.19
N GLY B 45 -26.97 -6.10 -10.47
CA GLY B 45 -27.20 -4.74 -10.88
C GLY B 45 -27.84 -4.74 -12.24
N SER B 46 -28.40 -3.61 -12.63
CA SER B 46 -28.97 -3.41 -13.95
C SER B 46 -28.58 -2.04 -14.42
N PRO B 47 -28.29 -1.88 -15.70
CA PRO B 47 -28.07 -0.53 -16.25
C PRO B 47 -29.36 0.28 -16.38
N PHE B 48 -30.54 -0.32 -16.21
CA PHE B 48 -31.84 0.37 -16.28
C PHE B 48 -32.47 0.60 -14.91
N ARG B 49 -31.76 0.23 -13.85
CA ARG B 49 -32.25 0.51 -12.51
C ARG B 49 -32.35 2.01 -12.21
N THR B 50 -33.46 2.35 -11.56
CA THR B 50 -33.68 3.61 -10.90
C THR B 50 -33.56 3.31 -9.42
N ILE B 51 -32.63 3.99 -8.75
CA ILE B 51 -32.33 3.75 -7.35
C ILE B 51 -32.90 4.90 -6.62
N ASN B 52 -33.84 4.62 -5.73
CA ASN B 52 -34.39 5.63 -4.83
C ASN B 52 -33.76 5.45 -3.45
N TYR B 53 -33.44 6.53 -2.78
CA TYR B 53 -32.95 6.43 -1.43
C TYR B 53 -33.21 7.73 -0.67
N ASN B 54 -33.17 7.60 0.65
CA ASN B 54 -33.28 8.73 1.54
C ASN B 54 -32.20 8.64 2.59
N ALA B 55 -31.25 9.56 2.58
CA ALA B 55 -30.21 9.61 3.59
C ALA B 55 -30.67 10.47 4.76
N GLY B 56 -31.45 9.84 5.66
CA GLY B 56 -31.91 10.45 6.88
C GLY B 56 -30.78 11.11 7.64
N VAL B 57 -29.66 10.38 7.77
CA VAL B 57 -28.44 10.94 8.36
C VAL B 57 -27.27 10.92 7.38
N TRP B 58 -26.62 12.07 7.24
CA TRP B 58 -25.34 12.12 6.55
C TRP B 58 -24.42 13.04 7.33
N ALA B 59 -23.53 12.43 8.12
CA ALA B 59 -22.73 13.12 9.12
C ALA B 59 -21.28 12.58 9.15
N PRO B 60 -20.51 12.86 8.11
CA PRO B 60 -19.10 12.48 8.14
C PRO B 60 -18.30 13.58 8.80
N ASN B 61 -17.27 13.17 9.54
CA ASN B 61 -16.25 14.01 10.10
C ASN B 61 -14.91 13.51 9.59
N GLY B 62 -14.52 13.99 8.42
CA GLY B 62 -13.41 13.46 7.65
C GLY B 62 -13.96 12.92 6.34
N ASN B 63 -13.19 12.02 5.70
CA ASN B 63 -13.59 11.45 4.43
C ASN B 63 -14.66 10.38 4.52
N GLY B 64 -15.61 10.48 3.60
CA GLY B 64 -16.62 9.48 3.35
C GLY B 64 -17.41 9.85 2.13
N TYR B 65 -17.90 8.87 1.39
CA TYR B 65 -18.72 9.09 0.21
C TYR B 65 -20.10 8.47 0.42
N LEU B 66 -21.12 9.15 -0.05
CA LEU B 66 -22.46 8.62 -0.09
C LEU B 66 -22.68 8.41 -1.54
N THR B 67 -22.71 7.16 -1.99
CA THR B 67 -22.53 6.85 -3.39
C THR B 67 -23.19 5.54 -3.81
N LEU B 68 -23.76 5.52 -5.02
CA LEU B 68 -24.06 4.27 -5.71
C LEU B 68 -22.71 3.64 -5.98
N TYR B 69 -22.62 2.34 -5.76
CA TYR B 69 -21.38 1.59 -5.92
C TYR B 69 -21.71 0.21 -6.48
N GLY B 70 -20.93 -0.26 -7.45
CA GLY B 70 -21.19 -1.56 -8.04
C GLY B 70 -20.09 -2.15 -8.91
N TRP B 71 -20.35 -3.35 -9.42
CA TRP B 71 -19.41 -4.03 -10.32
C TRP B 71 -20.09 -4.68 -11.53
N THR B 72 -19.34 -4.82 -12.63
CA THR B 72 -19.63 -5.77 -13.70
C THR B 72 -18.40 -6.66 -13.95
N ARG B 73 -18.62 -7.77 -14.66
CA ARG B 73 -17.57 -8.60 -15.26
C ARG B 73 -17.78 -8.58 -16.77
N SER B 74 -16.80 -9.07 -17.53
CA SER B 74 -16.87 -9.13 -19.00
C SER B 74 -17.23 -7.81 -19.65
N PRO B 75 -16.41 -6.78 -19.48
CA PRO B 75 -15.20 -6.84 -18.64
C PRO B 75 -15.39 -6.38 -17.20
N LEU B 76 -14.37 -6.64 -16.40
CA LEU B 76 -14.33 -6.28 -14.99
C LEU B 76 -14.34 -4.75 -14.88
N ILE B 77 -15.36 -4.21 -14.19
CA ILE B 77 -15.46 -2.76 -13.96
C ILE B 77 -15.97 -2.47 -12.56
N GLU B 78 -15.33 -1.48 -11.91
CA GLU B 78 -15.77 -0.93 -10.62
C GLU B 78 -16.35 0.42 -10.91
N TYR B 79 -17.56 0.72 -10.43
CA TYR B 79 -18.18 2.02 -10.68
C TYR B 79 -18.79 2.71 -9.45
N TYR B 80 -18.89 4.04 -9.56
CA TYR B 80 -19.34 4.91 -8.48
C TYR B 80 -20.18 6.07 -9.05
N VAL B 81 -21.32 6.33 -8.46
CA VAL B 81 -22.00 7.57 -8.69
C VAL B 81 -22.14 8.28 -7.34
N VAL B 82 -21.25 9.25 -7.09
CA VAL B 82 -21.12 9.94 -5.81
C VAL B 82 -22.02 11.16 -5.73
N ASP B 83 -22.92 11.14 -4.75
CA ASP B 83 -23.91 12.19 -4.56
C ASP B 83 -23.47 13.22 -3.54
N SER B 84 -22.89 12.76 -2.44
CA SER B 84 -22.29 13.63 -1.44
C SER B 84 -21.03 12.98 -0.83
N TRP B 85 -20.27 13.79 -0.11
CA TRP B 85 -19.02 13.31 0.46
C TRP B 85 -18.71 14.11 1.70
N GLY B 86 -17.54 13.88 2.30
CA GLY B 86 -17.13 14.61 3.49
C GLY B 86 -16.17 15.75 3.17
N THR B 87 -14.98 15.72 3.77
CA THR B 87 -13.97 16.77 3.56
C THR B 87 -13.49 16.90 2.13
N TYR B 88 -13.09 15.81 1.49
CA TYR B 88 -12.58 15.88 0.14
C TYR B 88 -13.48 15.18 -0.85
N ARG B 89 -13.64 15.86 -1.97
CA ARG B 89 -14.34 15.38 -3.15
C ARG B 89 -13.45 14.50 -3.97
N PRO B 90 -13.92 13.31 -4.34
CA PRO B 90 -13.10 12.37 -5.10
C PRO B 90 -12.95 12.83 -6.54
N THR B 91 -11.78 12.72 -7.14
CA THR B 91 -11.63 13.05 -8.57
C THR B 91 -10.82 12.01 -9.33
N GLY B 92 -10.50 12.28 -10.58
CA GLY B 92 -9.70 11.35 -11.33
C GLY B 92 -9.32 11.98 -12.64
N THR B 93 -9.16 11.14 -13.65
CA THR B 93 -8.99 11.62 -15.01
C THR B 93 -10.35 12.05 -15.56
N TYR B 94 -10.49 13.37 -15.70
CA TYR B 94 -11.73 13.99 -16.21
C TYR B 94 -12.03 13.59 -17.67
N LYS B 95 -13.30 13.27 -17.90
CA LYS B 95 -13.72 12.76 -19.19
C LYS B 95 -14.83 13.62 -19.78
N GLY B 96 -15.69 14.15 -18.91
CA GLY B 96 -16.83 14.97 -19.33
C GLY B 96 -17.82 15.19 -18.20
N THR B 97 -19.03 15.63 -18.56
CA THR B 97 -20.11 15.81 -17.58
C THR B 97 -21.41 15.18 -18.01
N VAL B 98 -22.34 15.11 -17.07
CA VAL B 98 -23.67 14.63 -17.32
C VAL B 98 -24.65 15.28 -16.32
N LYS B 99 -25.77 15.81 -16.83
CA LYS B 99 -26.84 16.30 -15.98
C LYS B 99 -27.76 15.13 -15.75
N SER B 100 -28.19 14.94 -14.50
CA SER B 100 -29.15 13.89 -14.13
C SER B 100 -29.70 14.12 -12.73
N ASP B 101 -31.00 13.88 -12.57
CA ASP B 101 -31.66 14.01 -11.27
C ASP B 101 -31.41 15.37 -10.58
N GLY B 102 -31.46 16.44 -11.36
CA GLY B 102 -31.34 17.78 -10.83
C GLY B 102 -29.93 18.22 -10.53
N GLY B 103 -28.98 17.30 -10.46
CA GLY B 103 -27.58 17.66 -10.29
C GLY B 103 -26.77 17.48 -11.57
N THR B 104 -25.58 18.06 -11.59
CA THR B 104 -24.60 17.89 -12.66
C THR B 104 -23.37 17.15 -12.12
N TYR B 105 -22.85 16.19 -12.86
CA TYR B 105 -21.76 15.34 -12.39
C TYR B 105 -20.54 15.37 -13.32
N ASP B 106 -19.33 15.49 -12.77
CA ASP B 106 -18.13 15.24 -13.56
C ASP B 106 -17.95 13.73 -13.70
N ILE B 107 -17.43 13.29 -14.86
CA ILE B 107 -17.16 11.89 -15.13
C ILE B 107 -15.66 11.64 -15.07
N TYR B 108 -15.22 10.66 -14.28
CA TYR B 108 -13.81 10.30 -14.23
C TYR B 108 -13.58 8.80 -14.44
N THR B 109 -12.44 8.48 -15.04
CA THR B 109 -11.89 7.14 -15.03
C THR B 109 -10.58 7.07 -14.28
N THR B 110 -10.24 5.86 -13.89
CA THR B 110 -8.96 5.52 -13.29
C THR B 110 -8.72 4.05 -13.63
N THR B 111 -7.48 3.72 -13.92
CA THR B 111 -7.14 2.32 -14.10
C THR B 111 -6.54 1.81 -12.79
N ARG B 112 -6.94 0.61 -12.39
CA ARG B 112 -6.46 -0.04 -11.19
C ARG B 112 -5.64 -1.27 -11.62
N TYR B 113 -4.37 -1.31 -11.22
CA TYR B 113 -3.46 -2.38 -11.63
C TYR B 113 -3.11 -3.36 -10.50
N ASN B 114 -3.18 -4.67 -10.79
CA ASN B 114 -2.85 -5.76 -9.88
C ASN B 114 -3.43 -5.48 -8.50
N ALA B 115 -4.74 -5.18 -8.51
CA ALA B 115 -5.50 -4.73 -7.34
C ALA B 115 -6.64 -5.68 -7.02
N PRO B 116 -7.15 -5.66 -5.80
CA PRO B 116 -8.36 -6.41 -5.44
C PRO B 116 -9.65 -6.08 -6.25
N SER B 117 -10.37 -7.14 -6.61
CA SER B 117 -11.70 -7.04 -7.22
C SER B 117 -12.58 -8.17 -6.69
N ILE B 118 -13.83 -8.20 -7.17
CA ILE B 118 -14.78 -9.27 -6.85
C ILE B 118 -14.32 -10.58 -7.43
N ASP B 119 -13.41 -10.54 -8.40
CA ASP B 119 -12.91 -11.73 -9.09
C ASP B 119 -11.57 -12.27 -8.55
N GLY B 120 -10.84 -11.49 -7.78
CA GLY B 120 -9.50 -11.89 -7.39
C GLY B 120 -8.69 -10.83 -6.65
N ASP B 121 -7.49 -11.25 -6.26
CA ASP B 121 -6.54 -10.51 -5.42
C ASP B 121 -5.76 -9.48 -6.22
N ARG B 122 -5.30 -9.92 -7.39
CA ARG B 122 -4.34 -9.20 -8.23
C ARG B 122 -4.95 -9.13 -9.63
N THR B 123 -5.60 -8.02 -9.90
CA THR B 123 -6.53 -7.95 -11.02
C THR B 123 -6.47 -6.53 -11.61
N THR B 124 -6.51 -6.41 -12.93
CA THR B 124 -6.38 -5.11 -13.59
C THR B 124 -7.70 -4.70 -14.22
N PHE B 125 -8.14 -3.47 -13.98
CA PHE B 125 -9.45 -3.02 -14.42
C PHE B 125 -9.61 -1.50 -14.39
N THR B 126 -10.69 -1.03 -14.98
CA THR B 126 -10.98 0.40 -15.04
C THR B 126 -12.08 0.72 -14.07
N GLN B 127 -12.09 1.96 -13.61
CA GLN B 127 -13.05 2.47 -12.65
C GLN B 127 -13.74 3.64 -13.31
N TYR B 128 -15.06 3.65 -13.23
CA TYR B 128 -15.88 4.73 -13.74
C TYR B 128 -16.48 5.47 -12.55
N TRP B 129 -16.43 6.79 -12.61
CA TRP B 129 -17.04 7.65 -11.61
C TRP B 129 -17.90 8.67 -12.29
N SER B 130 -19.07 8.92 -11.71
CA SER B 130 -19.79 10.18 -11.84
C SER B 130 -19.76 10.78 -10.46
N VAL B 131 -19.30 12.01 -10.34
CA VAL B 131 -19.21 12.69 -9.06
C VAL B 131 -19.96 14.00 -9.13
N ARG B 132 -20.99 14.16 -8.32
CA ARG B 132 -21.73 15.41 -8.33
C ARG B 132 -20.76 16.57 -8.10
N GLN B 133 -20.96 17.66 -8.83
CA GLN B 133 -20.10 18.85 -8.75
C GLN B 133 -20.23 19.60 -7.43
N SER B 134 -21.35 19.43 -6.76
CA SER B 134 -21.50 19.96 -5.41
C SER B 134 -22.37 19.01 -4.57
N LYS B 135 -22.14 18.99 -3.26
CA LYS B 135 -22.79 18.00 -2.41
C LYS B 135 -24.29 18.08 -2.63
N ARG B 136 -24.93 16.92 -2.69
CA ARG B 136 -26.35 16.82 -2.91
C ARG B 136 -27.08 16.87 -1.58
N PRO B 137 -28.21 17.59 -1.50
CA PRO B 137 -28.97 17.65 -0.25
C PRO B 137 -29.43 16.26 0.17
N THR B 138 -29.42 16.01 1.48
CA THR B 138 -29.91 14.77 2.01
C THR B 138 -30.98 15.01 3.05
N GLY B 139 -31.73 13.97 3.37
CA GLY B 139 -32.84 14.05 4.29
C GLY B 139 -34.16 13.88 3.56
N SER B 140 -34.14 14.14 2.25
CA SER B 140 -35.32 14.01 1.40
C SER B 140 -35.15 12.86 0.46
N ASN B 141 -36.27 12.38 -0.09
CA ASN B 141 -36.27 11.27 -1.05
C ASN B 141 -35.51 11.64 -2.36
N ALA B 142 -34.54 10.82 -2.75
CA ALA B 142 -33.67 11.15 -3.88
C ALA B 142 -33.60 10.01 -4.86
N THR B 143 -33.31 10.34 -6.11
CA THR B 143 -33.31 9.35 -7.19
C THR B 143 -32.00 9.35 -7.96
N ILE B 144 -31.49 8.18 -8.29
CA ILE B 144 -30.37 8.08 -9.23
C ILE B 144 -30.84 7.30 -10.42
N THR B 145 -30.91 7.97 -11.55
CA THR B 145 -31.37 7.34 -12.78
C THR B 145 -30.12 6.78 -13.41
N PHE B 146 -29.78 5.54 -13.09
CA PHE B 146 -28.46 5.00 -13.46
C PHE B 146 -28.22 5.05 -14.99
N THR B 147 -29.25 4.82 -15.78
CA THR B 147 -29.16 4.89 -17.27
C THR B 147 -28.54 6.17 -17.81
N ASN B 148 -28.88 7.31 -17.21
CA ASN B 148 -28.29 8.56 -17.64
C ASN B 148 -26.78 8.50 -17.55
N HIS B 149 -26.27 7.99 -16.42
CA HIS B 149 -24.84 7.83 -16.24
C HIS B 149 -24.24 6.82 -17.22
N VAL B 150 -24.85 5.64 -17.31
CA VAL B 150 -24.38 4.60 -18.23
C VAL B 150 -24.25 5.12 -19.65
N ASN B 151 -25.26 5.89 -20.08
CA ASN B 151 -25.28 6.47 -21.43
C ASN B 151 -24.19 7.51 -21.63
N ALA B 152 -24.04 8.43 -20.66
CA ALA B 152 -22.97 9.43 -20.72
C ALA B 152 -21.59 8.78 -20.72
N TRP B 153 -21.45 7.76 -19.89
CA TRP B 153 -20.26 6.94 -19.86
C TRP B 153 -20.03 6.26 -21.20
N LYS B 154 -21.09 5.72 -21.80
CA LYS B 154 -20.97 5.09 -23.11
C LYS B 154 -20.38 6.12 -24.10
N SER B 155 -20.91 7.35 -24.10
CA SER B 155 -20.49 8.40 -25.04
C SER B 155 -19.02 8.86 -24.92
N HIS B 156 -18.36 8.51 -23.81
CA HIS B 156 -16.96 8.85 -23.60
C HIS B 156 -16.08 7.61 -23.66
N GLY B 157 -16.55 6.59 -24.34
CA GLY B 157 -15.83 5.34 -24.46
C GLY B 157 -15.67 4.52 -23.21
N MET B 158 -16.58 4.68 -22.25
CA MET B 158 -16.54 3.94 -20.98
C MET B 158 -17.66 2.92 -20.97
N ASN B 159 -17.39 1.73 -21.48
CA ASN B 159 -18.41 0.71 -21.59
C ASN B 159 -18.37 -0.18 -20.39
N LEU B 160 -19.54 -0.55 -19.89
CA LEU B 160 -19.66 -1.48 -18.78
C LEU B 160 -19.76 -2.89 -19.34
N GLY B 161 -19.68 -3.89 -18.46
CA GLY B 161 -19.72 -5.27 -18.87
C GLY B 161 -21.12 -5.80 -19.10
N SER B 162 -21.18 -7.07 -19.49
CA SER B 162 -22.44 -7.73 -19.82
C SER B 162 -22.93 -8.61 -18.68
N ASN B 163 -22.03 -8.98 -17.78
CA ASN B 163 -22.35 -9.79 -16.61
C ASN B 163 -22.39 -8.84 -15.41
N TRP B 164 -23.52 -8.78 -14.71
CA TRP B 164 -23.71 -7.77 -13.69
C TRP B 164 -23.59 -8.41 -12.31
N ALA B 165 -22.78 -7.81 -11.43
CA ALA B 165 -22.69 -8.22 -10.04
C ALA B 165 -23.39 -7.16 -9.17
N TYR B 166 -22.99 -7.04 -7.91
CA TYR B 166 -23.77 -6.24 -6.98
C TYR B 166 -23.81 -4.75 -7.30
N GLN B 167 -24.82 -4.09 -6.75
CA GLN B 167 -25.10 -2.69 -7.02
C GLN B 167 -25.82 -2.15 -5.80
N VAL B 168 -25.13 -1.30 -5.04
CA VAL B 168 -25.66 -0.84 -3.79
C VAL B 168 -25.59 0.66 -3.63
N MET B 169 -26.46 1.19 -2.79
CA MET B 169 -26.31 2.55 -2.31
C MET B 169 -25.47 2.48 -1.02
N ALA B 170 -24.24 2.98 -1.12
CA ALA B 170 -23.17 2.75 -0.16
C ALA B 170 -22.77 3.97 0.66
N THR B 171 -22.30 3.68 1.85
CA THR B 171 -21.49 4.61 2.63
C THR B 171 -20.08 4.06 2.62
N GLU B 172 -19.14 4.86 2.09
CA GLU B 172 -17.72 4.53 2.15
C GLU B 172 -17.10 5.53 3.08
N GLY B 173 -16.29 5.06 4.02
CA GLY B 173 -15.54 5.94 4.87
C GLY B 173 -14.07 5.60 4.95
N TYR B 174 -13.23 6.63 5.10
CA TYR B 174 -11.84 6.36 5.43
C TYR B 174 -11.14 7.46 6.21
N GLN B 175 -10.15 7.03 6.98
CA GLN B 175 -9.42 7.89 7.91
C GLN B 175 -10.34 8.93 8.59
N SER B 176 -11.47 8.47 9.09
CA SER B 176 -12.48 9.39 9.59
C SER B 176 -13.39 8.78 10.66
N SER B 177 -14.34 9.58 11.12
CA SER B 177 -15.46 9.17 11.94
C SER B 177 -16.73 9.64 11.23
N GLY B 178 -17.88 9.08 11.57
CA GLY B 178 -19.11 9.54 10.97
C GLY B 178 -20.34 8.70 11.27
N SER B 179 -21.48 9.19 10.80
CA SER B 179 -22.74 8.45 10.90
C SER B 179 -23.46 8.54 9.57
N SER B 180 -24.25 7.50 9.32
CA SER B 180 -25.02 7.36 8.10
C SER B 180 -26.31 6.64 8.50
N ASN B 181 -27.43 7.05 7.91
CA ASN B 181 -28.65 6.27 7.98
C ASN B 181 -29.31 6.42 6.62
N VAL B 182 -29.37 5.33 5.85
CA VAL B 182 -29.88 5.35 4.48
C VAL B 182 -30.99 4.32 4.27
N THR B 183 -32.04 4.70 3.55
CA THR B 183 -33.10 3.77 3.23
C THR B 183 -33.15 3.64 1.71
N VAL B 184 -33.03 2.42 1.22
CA VAL B 184 -32.89 2.17 -0.22
C VAL B 184 -34.12 1.40 -0.75
N TRP B 185 -34.57 1.75 -1.94
CA TRP B 185 -35.55 0.92 -2.66
C TRP B 185 -35.56 1.22 -4.18
#